data_8XY8
#
_entry.id   8XY8
#
_cell.length_a   84.940
_cell.length_b   84.940
_cell.length_c   120.600
_cell.angle_alpha   90.00
_cell.angle_beta   90.00
_cell.angle_gamma   90.00
#
_symmetry.space_group_name_H-M   'P 41 21 2'
#
loop_
_entity.id
_entity.type
_entity.pdbx_description
1 polymer Beta-lactamase
2 water water
#
_entity_poly.entity_id   1
_entity_poly.type   'polypeptide(L)'
_entity_poly.pdbx_seq_one_letter_code
;MKFKAQSLTATVVFALCATASMSRAADATQDGIQRTVDAAIRPLMAKDGIHGMAVGIVAGGKAYVYNYGVASAETGKPVT
RDTLFELGSISKTFTATLASYAQVSGNLSLSDTTGKYLPVLQGSQFGNVKLINLGTHTPGGLPLQVPDEIHDNDELMQYF
KAWRPSCVPGACRTYTNPGIGTLGLITAKSMGEDFTPLMEQRMFPALGLKNSYIDVPEARIPDYAQGYKKDGAPIRMAPG
VLSAEAYGVKSTAADMTRFMQANMNLLPLDAKLQRAIMQTHTGYFKAGVLTQDLIWEQYAYPVALKTLLAGNSSAMALKA
TPAVEIKPPLAPRQDVWINKTGSTNGFGAYVAFVPEKQLGIVMLANKNFPNDERVSVAYKILTALAGAGVQ
;
_entity_poly.pdbx_strand_id   A
#
# COMPACT_ATOMS: atom_id res chain seq x y z
N ALA A 28 18.18 0.55 -25.42
CA ALA A 28 18.19 1.94 -25.98
C ALA A 28 17.07 2.79 -25.35
N THR A 29 15.82 2.35 -25.46
CA THR A 29 14.66 2.88 -24.68
C THR A 29 14.99 2.76 -23.18
N GLN A 30 15.46 1.58 -22.78
CA GLN A 30 15.87 1.23 -21.38
C GLN A 30 16.99 2.15 -20.92
N ASP A 31 17.93 2.48 -21.83
CA ASP A 31 19.15 3.29 -21.56
C ASP A 31 18.74 4.75 -21.31
N GLY A 32 17.81 5.30 -22.09
CA GLY A 32 17.26 6.66 -21.95
C GLY A 32 16.52 6.85 -20.63
N ILE A 33 15.68 5.89 -20.24
CA ILE A 33 14.99 5.81 -18.92
C ILE A 33 16.03 5.68 -17.80
N GLN A 34 16.99 4.77 -17.93
CA GLN A 34 18.03 4.57 -16.89
C GLN A 34 18.70 5.91 -16.59
N ARG A 35 19.03 6.71 -17.62
CA ARG A 35 19.80 7.98 -17.47
C ARG A 35 19.01 8.97 -16.58
N THR A 36 17.70 9.07 -16.78
CA THR A 36 16.79 9.90 -15.95
C THR A 36 16.77 9.35 -14.52
N VAL A 37 16.50 8.06 -14.36
CA VAL A 37 16.32 7.38 -13.04
C VAL A 37 17.63 7.48 -12.26
N ASP A 38 18.77 7.13 -12.85
CA ASP A 38 20.11 7.29 -12.19
C ASP A 38 20.25 8.69 -11.62
N ALA A 39 19.90 9.72 -12.41
CA ALA A 39 20.23 11.13 -12.16
C ALA A 39 19.44 11.67 -10.97
N ALA A 40 18.31 11.05 -10.63
CA ALA A 40 17.52 11.33 -9.40
C ALA A 40 18.03 10.49 -8.22
N ILE A 41 18.35 9.22 -8.46
CA ILE A 41 18.53 8.20 -7.38
C ILE A 41 19.92 8.28 -6.78
N ARG A 42 20.98 8.32 -7.59
CA ARG A 42 22.37 8.33 -7.03
C ARG A 42 22.45 9.45 -6.00
N PRO A 43 22.06 10.70 -6.35
CA PRO A 43 22.18 11.83 -5.43
C PRO A 43 21.34 11.68 -4.16
N LEU A 44 20.10 11.20 -4.29
CA LEU A 44 19.17 10.88 -3.17
C LEU A 44 19.84 9.94 -2.16
N MET A 45 20.45 8.86 -2.66
CA MET A 45 21.08 7.83 -1.79
C MET A 45 22.34 8.41 -1.12
N ALA A 46 23.17 9.15 -1.86
CA ALA A 46 24.37 9.81 -1.31
C ALA A 46 23.94 10.77 -0.18
N LYS A 47 22.89 11.55 -0.41
CA LYS A 47 22.41 12.62 0.51
C LYS A 47 21.86 12.01 1.80
N ASP A 48 21.07 10.93 1.71
CA ASP A 48 20.34 10.37 2.86
C ASP A 48 21.07 9.14 3.42
N GLY A 49 22.23 8.77 2.86
CA GLY A 49 22.95 7.54 3.23
C GLY A 49 22.05 6.31 3.22
N ILE A 50 21.31 6.12 2.12
CA ILE A 50 20.49 4.90 1.81
C ILE A 50 21.46 3.88 1.21
N HIS A 51 21.54 2.68 1.78
CA HIS A 51 22.52 1.63 1.37
C HIS A 51 22.10 1.02 0.03
N GLY A 52 20.82 0.68 -0.11
CA GLY A 52 20.29 -0.05 -1.27
C GLY A 52 18.92 0.43 -1.68
N MET A 53 18.70 0.54 -2.97
CA MET A 53 17.38 0.88 -3.55
C MET A 53 17.16 -0.03 -4.74
N ALA A 54 15.91 -0.44 -4.94
CA ALA A 54 15.39 -1.08 -6.16
C ALA A 54 14.27 -0.19 -6.69
N VAL A 55 14.40 0.28 -7.93
CA VAL A 55 13.41 1.18 -8.54
C VAL A 55 12.80 0.47 -9.74
N GLY A 56 11.49 0.22 -9.70
CA GLY A 56 10.69 -0.30 -10.83
C GLY A 56 10.02 0.82 -11.60
N ILE A 57 10.27 0.88 -12.89
CA ILE A 57 9.60 1.84 -13.82
C ILE A 57 8.69 1.03 -14.75
N VAL A 58 7.49 1.55 -14.99
CA VAL A 58 6.62 1.12 -16.12
C VAL A 58 6.53 2.31 -17.08
N ALA A 59 6.95 2.12 -18.33
CA ALA A 59 6.94 3.15 -19.39
C ALA A 59 6.52 2.47 -20.68
N GLY A 60 5.52 3.03 -21.36
CA GLY A 60 4.83 2.40 -22.49
C GLY A 60 4.38 1.00 -22.14
N GLY A 61 4.02 0.78 -20.87
CA GLY A 61 3.49 -0.50 -20.33
C GLY A 61 4.56 -1.53 -20.05
N LYS A 62 5.83 -1.30 -20.45
CA LYS A 62 6.95 -2.24 -20.21
C LYS A 62 7.52 -2.03 -18.81
N ALA A 63 7.98 -3.11 -18.18
CA ALA A 63 8.66 -3.12 -16.88
C ALA A 63 10.18 -3.00 -17.08
N TYR A 64 10.78 -1.97 -16.50
CA TYR A 64 12.24 -1.88 -16.33
C TYR A 64 12.51 -1.81 -14.84
N VAL A 65 13.63 -2.38 -14.41
CA VAL A 65 14.04 -2.44 -12.98
C VAL A 65 15.49 -1.98 -12.91
N TYR A 66 15.79 -1.05 -12.02
CA TYR A 66 17.13 -0.47 -11.81
C TYR A 66 17.50 -0.67 -10.35
N ASN A 67 18.65 -1.28 -10.10
CA ASN A 67 19.12 -1.61 -8.72
C ASN A 67 20.35 -0.75 -8.41
N TYR A 68 20.47 -0.33 -7.14
CA TYR A 68 21.52 0.57 -6.61
C TYR A 68 22.05 0.05 -5.26
N GLY A 69 23.36 0.14 -5.05
CA GLY A 69 24.02 -0.09 -3.75
C GLY A 69 23.84 -1.50 -3.23
N VAL A 70 23.78 -1.66 -1.90
CA VAL A 70 23.93 -2.98 -1.20
C VAL A 70 22.66 -3.27 -0.40
N ALA A 71 22.21 -4.53 -0.46
CA ALA A 71 21.16 -5.12 0.39
C ALA A 71 21.56 -5.04 1.86
N SER A 72 22.86 -5.21 2.14
CA SER A 72 23.49 -5.24 3.48
C SER A 72 24.83 -4.53 3.41
N ALA A 73 25.06 -3.50 4.21
CA ALA A 73 26.34 -2.76 4.25
C ALA A 73 27.44 -3.64 4.89
N GLU A 74 27.04 -4.58 5.77
CA GLU A 74 27.95 -5.38 6.63
C GLU A 74 28.69 -6.40 5.74
N THR A 75 27.98 -7.02 4.80
CA THR A 75 28.55 -8.07 3.88
C THR A 75 28.84 -7.52 2.47
N GLY A 76 28.14 -6.48 2.02
CA GLY A 76 28.28 -5.93 0.67
C GLY A 76 27.45 -6.70 -0.34
N LYS A 77 26.48 -7.50 0.10
CA LYS A 77 25.59 -8.17 -0.87
C LYS A 77 24.89 -7.07 -1.66
N PRO A 78 25.05 -7.03 -3.00
CA PRO A 78 24.39 -6.01 -3.81
C PRO A 78 22.87 -6.24 -3.87
N VAL A 79 22.12 -5.17 -4.12
CA VAL A 79 20.67 -5.26 -4.43
C VAL A 79 20.56 -5.91 -5.80
N THR A 80 19.81 -7.01 -5.90
CA THR A 80 19.59 -7.74 -7.17
C THR A 80 18.11 -7.88 -7.47
N ARG A 81 17.81 -8.47 -8.62
CA ARG A 81 16.45 -8.78 -9.11
C ARG A 81 15.65 -9.44 -7.98
N ASP A 82 16.29 -10.23 -7.11
CA ASP A 82 15.63 -11.14 -6.14
C ASP A 82 15.61 -10.53 -4.72
N THR A 83 16.09 -9.30 -4.53
CA THR A 83 16.19 -8.64 -3.20
C THR A 83 14.81 -8.18 -2.71
N LEU A 84 14.46 -8.58 -1.48
CA LEU A 84 13.16 -8.32 -0.81
C LEU A 84 13.32 -7.08 0.06
N PHE A 85 12.40 -6.13 -0.08
CA PHE A 85 12.25 -4.91 0.75
C PHE A 85 10.90 -5.00 1.45
N GLU A 86 10.77 -4.43 2.63
CA GLU A 86 9.48 -4.29 3.37
C GLU A 86 8.65 -3.20 2.70
N LEU A 87 7.40 -3.53 2.31
CA LEU A 87 6.49 -2.59 1.61
C LEU A 87 5.84 -1.61 2.60
N GLY A 88 5.84 -1.91 3.90
CA GLY A 88 5.08 -1.15 4.91
C GLY A 88 3.60 -1.05 4.54
N SER A 89 3.03 0.15 4.58
CA SER A 89 1.57 0.38 4.38
C SER A 89 1.16 0.13 2.93
N ILE A 90 2.09 -0.11 2.03
CA ILE A 90 1.73 -0.48 0.63
C ILE A 90 1.03 -1.86 0.68
N SER A 91 1.30 -2.65 1.72
CA SER A 91 0.61 -3.94 1.98
C SER A 91 -0.91 -3.74 1.92
N LYS A 92 -1.38 -2.58 2.35
CA LYS A 92 -2.84 -2.25 2.43
C LYS A 92 -3.49 -2.32 1.06
N THR A 93 -2.76 -2.05 -0.03
CA THR A 93 -3.29 -2.11 -1.41
C THR A 93 -3.57 -3.57 -1.76
N PHE A 94 -2.78 -4.51 -1.25
CA PHE A 94 -3.03 -5.97 -1.43
C PHE A 94 -4.28 -6.36 -0.65
N THR A 95 -4.40 -5.89 0.59
CA THR A 95 -5.61 -6.09 1.45
C THR A 95 -6.81 -5.50 0.70
N ALA A 96 -6.72 -4.26 0.25
CA ALA A 96 -7.81 -3.57 -0.49
C ALA A 96 -8.20 -4.41 -1.70
N THR A 97 -7.21 -4.99 -2.39
CA THR A 97 -7.41 -5.80 -3.62
C THR A 97 -8.21 -7.06 -3.25
N LEU A 98 -7.85 -7.69 -2.13
CA LEU A 98 -8.49 -8.96 -1.68
C LEU A 98 -9.95 -8.71 -1.29
N ALA A 99 -10.24 -7.62 -0.56
CA ALA A 99 -11.61 -7.20 -0.18
C ALA A 99 -12.41 -6.94 -1.46
N SER A 100 -11.82 -6.22 -2.41
CA SER A 100 -12.45 -5.89 -3.72
C SER A 100 -12.82 -7.21 -4.42
N TYR A 101 -11.91 -8.18 -4.46
CA TYR A 101 -12.12 -9.51 -5.09
C TYR A 101 -13.32 -10.21 -4.45
N ALA A 102 -13.35 -10.27 -3.11
CA ALA A 102 -14.44 -10.90 -2.33
C ALA A 102 -15.77 -10.20 -2.64
N GLN A 103 -15.75 -8.91 -2.96
CA GLN A 103 -16.97 -8.12 -3.31
C GLN A 103 -17.49 -8.63 -4.66
N VAL A 104 -16.58 -8.72 -5.64
CA VAL A 104 -16.87 -9.07 -7.07
C VAL A 104 -17.36 -10.52 -7.16
N SER A 105 -16.91 -11.37 -6.23
CA SER A 105 -17.22 -12.81 -6.10
C SER A 105 -18.56 -13.02 -5.36
N GLY A 106 -19.11 -11.95 -4.75
CA GLY A 106 -20.35 -12.00 -3.95
C GLY A 106 -20.14 -12.69 -2.61
N ASN A 107 -18.92 -12.68 -2.07
CA ASN A 107 -18.57 -13.19 -0.72
C ASN A 107 -18.98 -12.17 0.34
N LEU A 108 -19.04 -10.89 -0.05
CA LEU A 108 -19.43 -9.74 0.81
C LEU A 108 -19.83 -8.56 -0.07
N SER A 109 -20.44 -7.56 0.56
CA SER A 109 -20.67 -6.18 0.04
C SER A 109 -19.91 -5.20 0.94
N LEU A 110 -19.42 -4.09 0.39
CA LEU A 110 -18.72 -3.04 1.20
C LEU A 110 -19.75 -2.22 2.00
N SER A 111 -21.06 -2.38 1.73
CA SER A 111 -22.20 -1.80 2.50
C SER A 111 -22.46 -2.57 3.79
N ASP A 112 -21.91 -3.78 3.91
CA ASP A 112 -22.10 -4.67 5.09
C ASP A 112 -21.37 -4.07 6.28
N THR A 113 -21.76 -4.53 7.47
CA THR A 113 -21.31 -4.09 8.81
C THR A 113 -20.34 -5.14 9.33
N THR A 114 -19.43 -4.79 10.24
CA THR A 114 -18.44 -5.72 10.80
C THR A 114 -19.20 -6.82 11.54
N GLY A 115 -20.32 -6.46 12.18
CA GLY A 115 -21.18 -7.37 12.96
C GLY A 115 -21.51 -8.63 12.19
N LYS A 116 -21.94 -8.48 10.93
CA LYS A 116 -22.30 -9.60 10.04
C LYS A 116 -21.22 -10.70 10.03
N TYR A 117 -19.94 -10.37 10.25
CA TYR A 117 -18.79 -11.26 9.95
C TYR A 117 -18.01 -11.61 11.22
N LEU A 118 -18.08 -10.73 12.22
CA LEU A 118 -17.54 -10.94 13.58
C LEU A 118 -18.69 -10.78 14.56
N PRO A 119 -19.53 -11.83 14.77
CA PRO A 119 -20.75 -11.69 15.58
C PRO A 119 -20.43 -11.30 17.04
N VAL A 120 -19.29 -11.74 17.56
CA VAL A 120 -18.64 -11.18 18.79
C VAL A 120 -19.07 -9.71 18.98
N LEU A 121 -19.11 -8.94 17.88
CA LEU A 121 -19.29 -7.47 17.86
C LEU A 121 -20.74 -7.06 17.57
N GLN A 122 -21.61 -7.95 17.06
CA GLN A 122 -23.06 -7.65 16.86
C GLN A 122 -23.59 -6.99 18.13
N GLY A 123 -24.34 -5.89 18.00
CA GLY A 123 -24.92 -5.13 19.14
C GLY A 123 -24.04 -3.97 19.57
N SER A 124 -22.72 -4.10 19.43
CA SER A 124 -21.73 -3.03 19.74
C SER A 124 -21.75 -1.96 18.65
N GLN A 125 -21.17 -0.79 18.96
CA GLN A 125 -21.10 0.39 18.06
C GLN A 125 -20.23 0.03 16.86
N PHE A 126 -19.05 -0.55 17.11
CA PHE A 126 -18.08 -0.92 16.05
C PHE A 126 -18.71 -1.96 15.11
N GLY A 127 -19.56 -2.82 15.66
CA GLY A 127 -20.33 -3.83 14.92
C GLY A 127 -21.24 -3.22 13.86
N ASN A 128 -21.47 -1.91 13.90
CA ASN A 128 -22.33 -1.21 12.90
C ASN A 128 -21.50 -0.36 11.93
N VAL A 129 -20.18 -0.34 12.08
CA VAL A 129 -19.25 0.29 11.08
C VAL A 129 -19.31 -0.55 9.80
N LYS A 130 -19.50 0.11 8.65
CA LYS A 130 -19.57 -0.54 7.33
C LYS A 130 -18.14 -0.80 6.83
N LEU A 131 -17.95 -1.89 6.07
CA LEU A 131 -16.64 -2.32 5.52
C LEU A 131 -16.01 -1.18 4.70
N ILE A 132 -16.82 -0.42 3.95
CA ILE A 132 -16.31 0.67 3.07
C ILE A 132 -15.55 1.67 3.94
N ASN A 133 -16.05 1.96 5.13
CA ASN A 133 -15.41 2.89 6.07
C ASN A 133 -14.07 2.32 6.55
N LEU A 134 -13.89 0.99 6.55
CA LEU A 134 -12.63 0.37 7.06
C LEU A 134 -11.54 0.44 5.98
N GLY A 135 -11.97 0.41 4.71
CA GLY A 135 -11.08 0.41 3.54
C GLY A 135 -10.75 1.81 3.07
N THR A 136 -11.32 2.85 3.69
CA THR A 136 -11.17 4.28 3.29
C THR A 136 -10.75 5.17 4.47
N HIS A 137 -10.44 4.58 5.63
CA HIS A 137 -10.01 5.27 6.88
C HIS A 137 -11.10 6.23 7.42
N THR A 138 -12.39 5.97 7.14
CA THR A 138 -13.53 6.81 7.59
C THR A 138 -14.45 6.07 8.58
N PRO A 139 -13.96 5.30 9.57
CA PRO A 139 -14.87 4.58 10.48
C PRO A 139 -15.44 5.41 11.65
N GLY A 140 -15.04 6.67 11.77
CA GLY A 140 -15.46 7.51 12.92
C GLY A 140 -14.44 7.49 14.05
N GLY A 141 -13.15 7.42 13.72
CA GLY A 141 -12.06 7.61 14.68
C GLY A 141 -11.52 6.29 15.19
N LEU A 142 -10.26 6.03 14.91
CA LEU A 142 -9.51 4.79 15.24
C LEU A 142 -8.04 5.20 15.34
N PRO A 143 -7.23 4.62 16.26
CA PRO A 143 -5.84 5.03 16.38
C PRO A 143 -5.02 4.61 15.14
N LEU A 144 -3.91 5.31 14.86
CA LEU A 144 -2.97 4.98 13.76
C LEU A 144 -2.51 3.53 13.93
N GLN A 145 -1.98 3.19 15.12
CA GLN A 145 -1.37 1.88 15.46
C GLN A 145 -2.32 1.08 16.36
N VAL A 146 -2.36 -0.24 16.18
CA VAL A 146 -2.99 -1.16 17.17
C VAL A 146 -2.31 -0.90 18.51
N PRO A 147 -3.05 -0.52 19.57
CA PRO A 147 -2.43 -0.20 20.85
C PRO A 147 -1.72 -1.41 21.48
N ASP A 148 -0.64 -1.17 22.22
CA ASP A 148 0.34 -2.18 22.68
C ASP A 148 -0.32 -3.26 23.55
N GLU A 149 -1.39 -2.89 24.28
CA GLU A 149 -2.11 -3.75 25.27
C GLU A 149 -2.82 -4.90 24.55
N ILE A 150 -3.17 -4.71 23.27
CA ILE A 150 -3.83 -5.75 22.43
C ILE A 150 -2.74 -6.66 21.86
N HIS A 151 -2.80 -7.95 22.21
CA HIS A 151 -1.74 -8.97 21.98
C HIS A 151 -2.26 -10.09 21.07
N ASP A 152 -3.58 -10.23 20.88
CA ASP A 152 -4.19 -11.26 20.00
C ASP A 152 -5.51 -10.74 19.42
N ASN A 153 -6.14 -11.50 18.52
CA ASN A 153 -7.40 -11.07 17.86
C ASN A 153 -8.54 -10.97 18.89
N ASP A 154 -8.48 -11.77 19.97
CA ASP A 154 -9.51 -11.83 21.02
C ASP A 154 -9.47 -10.54 21.85
N GLU A 155 -8.28 -10.09 22.27
CA GLU A 155 -8.10 -8.80 22.99
C GLU A 155 -8.50 -7.64 22.07
N LEU A 156 -8.27 -7.79 20.75
CA LEU A 156 -8.69 -6.80 19.73
C LEU A 156 -10.23 -6.72 19.70
N MET A 157 -10.89 -7.87 19.50
CA MET A 157 -12.38 -7.97 19.48
C MET A 157 -12.96 -7.28 20.74
N GLN A 158 -12.30 -7.43 21.90
CA GLN A 158 -12.78 -6.87 23.21
C GLN A 158 -12.71 -5.35 23.14
N TYR A 159 -11.56 -4.85 22.71
CA TYR A 159 -11.28 -3.40 22.52
C TYR A 159 -12.37 -2.80 21.63
N PHE A 160 -12.75 -3.53 20.58
CA PHE A 160 -13.73 -3.07 19.58
C PHE A 160 -15.12 -3.03 20.22
N LYS A 161 -15.42 -3.99 21.09
CA LYS A 161 -16.70 -4.05 21.83
C LYS A 161 -16.83 -2.79 22.70
N ALA A 162 -15.73 -2.36 23.31
CA ALA A 162 -15.60 -1.15 24.17
C ALA A 162 -15.63 0.14 23.33
N TRP A 163 -15.30 0.06 22.04
CA TRP A 163 -15.05 1.23 21.16
C TRP A 163 -16.31 2.10 21.02
N ARG A 164 -16.11 3.42 20.98
CA ARG A 164 -17.16 4.43 20.68
C ARG A 164 -16.60 5.34 19.60
N PRO A 165 -17.42 5.76 18.61
CA PRO A 165 -16.96 6.72 17.61
C PRO A 165 -16.65 8.07 18.26
N SER A 166 -15.56 8.70 17.82
CA SER A 166 -15.03 10.01 18.30
C SER A 166 -15.13 11.07 17.18
N CYS A 167 -15.54 10.67 15.99
CA CYS A 167 -15.99 11.62 14.92
C CYS A 167 -17.01 10.90 14.03
N VAL A 168 -17.59 11.63 13.08
CA VAL A 168 -18.69 11.12 12.21
C VAL A 168 -18.13 10.05 11.28
N PRO A 169 -18.63 8.80 11.32
CA PRO A 169 -18.31 7.82 10.28
C PRO A 169 -18.80 8.31 8.91
N GLY A 170 -17.92 8.22 7.90
CA GLY A 170 -18.21 8.62 6.50
C GLY A 170 -18.14 10.13 6.32
N ALA A 171 -17.52 10.83 7.26
CA ALA A 171 -17.29 12.30 7.17
C ALA A 171 -16.01 12.69 7.90
N CYS A 172 -15.21 11.72 8.31
CA CYS A 172 -14.01 11.92 9.16
C CYS A 172 -12.96 10.91 8.74
N ARG A 173 -11.82 11.38 8.22
CA ARG A 173 -10.74 10.50 7.73
C ARG A 173 -9.65 10.43 8.80
N THR A 174 -9.47 9.27 9.41
CA THR A 174 -8.37 8.98 10.37
C THR A 174 -7.58 7.76 9.86
N TYR A 175 -6.42 7.99 9.25
CA TYR A 175 -5.51 6.94 8.73
C TYR A 175 -5.16 5.98 9.87
N THR A 176 -5.44 4.68 9.69
CA THR A 176 -5.45 3.63 10.75
C THR A 176 -5.04 2.26 10.20
N ASN A 177 -4.13 1.56 10.89
CA ASN A 177 -3.77 0.13 10.63
C ASN A 177 -4.90 -0.81 11.06
N PRO A 178 -5.43 -0.69 12.30
CA PRO A 178 -6.52 -1.56 12.74
C PRO A 178 -7.76 -1.54 11.85
N GLY A 179 -7.98 -0.45 11.11
CA GLY A 179 -9.20 -0.28 10.30
C GLY A 179 -9.16 -1.18 9.08
N ILE A 180 -8.22 -0.90 8.16
CA ILE A 180 -7.91 -1.75 6.98
C ILE A 180 -7.52 -3.16 7.46
N GLY A 181 -6.82 -3.27 8.58
CA GLY A 181 -6.46 -4.59 9.17
C GLY A 181 -7.70 -5.43 9.33
N THR A 182 -8.68 -4.88 10.04
CA THR A 182 -9.95 -5.56 10.38
C THR A 182 -10.75 -5.83 9.09
N LEU A 183 -10.60 -5.02 8.04
CA LEU A 183 -11.22 -5.34 6.72
C LEU A 183 -10.55 -6.60 6.16
N GLY A 184 -9.24 -6.74 6.37
CA GLY A 184 -8.48 -7.95 5.97
C GLY A 184 -9.08 -9.17 6.64
N LEU A 185 -9.18 -9.12 7.97
CA LEU A 185 -9.72 -10.21 8.82
C LEU A 185 -11.14 -10.56 8.34
N ILE A 186 -11.98 -9.56 8.07
CA ILE A 186 -13.40 -9.76 7.64
C ILE A 186 -13.42 -10.38 6.24
N THR A 187 -12.58 -9.91 5.32
CA THR A 187 -12.39 -10.49 3.96
C THR A 187 -12.07 -11.99 4.10
N ALA A 188 -11.06 -12.33 4.90
CA ALA A 188 -10.66 -13.73 5.21
C ALA A 188 -11.91 -14.55 5.59
N LYS A 189 -12.63 -14.14 6.63
CA LYS A 189 -13.82 -14.85 7.17
C LYS A 189 -14.83 -15.04 6.03
N SER A 190 -15.12 -14.00 5.26
CA SER A 190 -16.12 -14.04 4.15
C SER A 190 -15.82 -15.21 3.18
N MET A 191 -14.54 -15.60 3.06
CA MET A 191 -14.04 -16.60 2.06
C MET A 191 -13.55 -17.89 2.74
N GLY A 192 -14.08 -18.20 3.94
CA GLY A 192 -13.78 -19.40 4.74
C GLY A 192 -12.32 -19.81 4.63
N GLU A 193 -11.40 -18.93 5.02
CA GLU A 193 -9.94 -19.12 4.86
C GLU A 193 -9.22 -18.05 5.69
N ASP A 194 -8.05 -18.37 6.25
CA ASP A 194 -7.17 -17.42 6.98
C ASP A 194 -6.51 -16.46 5.98
N PHE A 195 -6.15 -15.26 6.44
CA PHE A 195 -5.72 -14.12 5.58
C PHE A 195 -4.41 -14.48 4.87
N THR A 196 -3.34 -14.75 5.61
CA THR A 196 -1.98 -14.96 5.07
C THR A 196 -2.03 -15.97 3.91
N PRO A 197 -2.59 -17.19 4.12
CA PRO A 197 -2.77 -18.15 3.02
C PRO A 197 -3.59 -17.65 1.82
N LEU A 198 -4.71 -16.97 2.04
CA LEU A 198 -5.51 -16.33 0.95
C LEU A 198 -4.54 -15.55 0.06
N MET A 199 -3.66 -14.76 0.69
CA MET A 199 -2.75 -13.82 0.01
C MET A 199 -1.64 -14.61 -0.69
N GLU A 200 -0.94 -15.49 0.04
CA GLU A 200 0.28 -16.19 -0.45
C GLU A 200 -0.06 -17.25 -1.51
N GLN A 201 -1.24 -17.87 -1.42
CA GLN A 201 -1.62 -19.07 -2.22
C GLN A 201 -2.65 -18.76 -3.29
N ARG A 202 -3.42 -17.66 -3.22
CA ARG A 202 -4.40 -17.32 -4.28
C ARG A 202 -4.09 -15.97 -4.92
N MET A 203 -4.04 -14.90 -4.14
CA MET A 203 -3.85 -13.52 -4.67
C MET A 203 -2.50 -13.43 -5.38
N PHE A 204 -1.37 -13.58 -4.66
CA PHE A 204 -0.02 -13.39 -5.26
C PHE A 204 0.12 -14.23 -6.53
N PRO A 205 -0.16 -15.56 -6.50
CA PRO A 205 -0.17 -16.37 -7.73
C PRO A 205 -1.14 -15.89 -8.82
N ALA A 206 -2.35 -15.45 -8.46
CA ALA A 206 -3.34 -14.96 -9.45
C ALA A 206 -2.86 -13.65 -10.11
N LEU A 207 -2.10 -12.82 -9.38
CA LEU A 207 -1.47 -11.57 -9.91
C LEU A 207 -0.14 -11.89 -10.60
N GLY A 208 0.43 -13.09 -10.41
CA GLY A 208 1.70 -13.52 -11.01
C GLY A 208 2.91 -12.96 -10.26
N LEU A 209 2.82 -12.87 -8.93
CA LEU A 209 3.89 -12.30 -8.07
C LEU A 209 4.56 -13.45 -7.32
N LYS A 210 5.78 -13.81 -7.70
CA LYS A 210 6.48 -15.05 -7.25
C LYS A 210 7.59 -14.69 -6.27
N ASN A 211 7.68 -13.42 -5.87
CA ASN A 211 8.74 -12.88 -4.96
C ASN A 211 8.09 -11.99 -3.91
N SER A 212 6.94 -12.40 -3.38
CA SER A 212 6.03 -11.57 -2.56
C SER A 212 5.49 -12.42 -1.41
N TYR A 213 5.70 -11.97 -0.18
CA TYR A 213 5.62 -12.81 1.03
C TYR A 213 5.20 -11.97 2.22
N ILE A 214 4.31 -12.51 3.05
CA ILE A 214 4.13 -12.05 4.45
C ILE A 214 5.15 -12.80 5.30
N ASP A 215 5.23 -14.12 5.14
CA ASP A 215 6.22 -15.01 5.81
C ASP A 215 7.29 -15.36 4.79
N VAL A 216 8.47 -14.75 4.92
CA VAL A 216 9.62 -15.04 4.03
C VAL A 216 10.04 -16.48 4.31
N PRO A 217 10.00 -17.38 3.31
CA PRO A 217 10.56 -18.74 3.47
C PRO A 217 12.05 -18.71 3.86
N GLU A 218 12.53 -19.75 4.57
CA GLU A 218 13.95 -19.90 5.00
C GLU A 218 14.85 -19.80 3.77
N ALA A 219 14.43 -20.42 2.68
CA ALA A 219 15.19 -20.48 1.42
C ALA A 219 15.44 -19.06 0.88
N ARG A 220 14.57 -18.08 1.18
CA ARG A 220 14.63 -16.70 0.59
C ARG A 220 15.21 -15.69 1.59
N ILE A 221 15.60 -16.12 2.78
CA ILE A 221 16.09 -15.20 3.85
C ILE A 221 17.41 -14.54 3.43
N PRO A 222 18.27 -15.18 2.62
CA PRO A 222 19.44 -14.50 2.04
C PRO A 222 19.08 -13.32 1.10
N ASP A 223 17.89 -13.36 0.51
CA ASP A 223 17.35 -12.32 -0.39
C ASP A 223 16.79 -11.13 0.40
N TYR A 224 16.48 -11.30 1.68
CA TYR A 224 15.83 -10.26 2.53
C TYR A 224 16.88 -9.19 2.86
N ALA A 225 16.80 -8.04 2.16
CA ALA A 225 17.68 -6.86 2.37
C ALA A 225 17.68 -6.49 3.85
N GLN A 226 18.78 -5.90 4.32
CA GLN A 226 18.91 -5.43 5.72
C GLN A 226 18.30 -4.03 5.75
N GLY A 227 17.36 -3.80 6.67
CA GLY A 227 16.82 -2.47 7.01
C GLY A 227 17.77 -1.72 7.93
N TYR A 228 17.71 -0.39 7.92
CA TYR A 228 18.58 0.52 8.71
C TYR A 228 17.73 1.63 9.33
N LYS A 229 17.85 1.84 10.64
CA LYS A 229 17.18 2.94 11.38
C LYS A 229 17.88 4.26 11.04
N LYS A 230 17.28 5.39 11.44
CA LYS A 230 17.82 6.76 11.17
C LYS A 230 19.28 6.86 11.62
N ASP A 231 19.68 6.15 12.69
CA ASP A 231 21.05 6.23 13.28
C ASP A 231 22.06 5.37 12.49
N GLY A 232 21.62 4.30 11.81
CA GLY A 232 22.49 3.42 10.99
C GLY A 232 22.54 2.00 11.53
N ALA A 233 21.81 1.71 12.61
CA ALA A 233 21.71 0.36 13.23
C ALA A 233 20.82 -0.52 12.35
N PRO A 234 21.24 -1.80 12.15
CA PRO A 234 20.46 -2.75 11.37
C PRO A 234 19.14 -3.13 12.08
N ILE A 235 18.07 -3.31 11.32
CA ILE A 235 16.75 -3.81 11.84
C ILE A 235 15.88 -4.37 10.69
N ARG A 236 15.01 -5.30 11.03
CA ARG A 236 13.92 -5.81 10.15
C ARG A 236 12.61 -5.80 10.96
N MET A 237 11.46 -5.76 10.29
CA MET A 237 10.14 -5.51 10.92
C MET A 237 9.82 -6.64 11.91
N ALA A 238 9.04 -6.31 12.95
CA ALA A 238 8.44 -7.23 13.94
C ALA A 238 7.00 -7.56 13.53
N PRO A 239 6.61 -8.86 13.44
CA PRO A 239 5.19 -9.21 13.36
C PRO A 239 4.41 -8.75 14.61
N GLY A 240 3.10 -8.59 14.44
CA GLY A 240 2.18 -8.15 15.51
C GLY A 240 0.73 -8.30 15.09
N VAL A 241 -0.19 -7.69 15.83
CA VAL A 241 -1.65 -7.80 15.55
C VAL A 241 -1.97 -7.09 14.23
N LEU A 242 -2.57 -7.84 13.30
CA LEU A 242 -3.05 -7.37 11.98
C LEU A 242 -1.88 -6.88 11.10
N SER A 243 -0.65 -7.30 11.39
CA SER A 243 0.58 -6.85 10.66
C SER A 243 0.51 -7.35 9.21
N ALA A 244 0.17 -8.61 9.00
CA ALA A 244 0.03 -9.17 7.63
C ALA A 244 -0.93 -8.29 6.83
N GLU A 245 -2.03 -7.87 7.47
CA GLU A 245 -3.17 -7.18 6.81
C GLU A 245 -2.81 -5.71 6.59
N ALA A 246 -1.82 -5.20 7.34
CA ALA A 246 -1.53 -3.75 7.49
C ALA A 246 -0.16 -3.35 6.94
N TYR A 247 0.95 -4.02 7.30
CA TYR A 247 2.32 -3.55 6.95
C TYR A 247 3.34 -4.69 6.70
N GLY A 248 2.87 -5.92 6.50
CA GLY A 248 3.67 -7.14 6.67
C GLY A 248 4.29 -7.66 5.38
N VAL A 249 3.86 -7.18 4.22
CA VAL A 249 4.32 -7.75 2.92
C VAL A 249 5.76 -7.28 2.63
N LYS A 250 6.60 -8.23 2.18
CA LYS A 250 7.90 -7.98 1.49
C LYS A 250 7.73 -8.38 0.02
N SER A 251 8.43 -7.66 -0.85
CA SER A 251 8.31 -7.84 -2.32
C SER A 251 9.53 -7.24 -3.01
N THR A 252 9.60 -7.44 -4.32
CA THR A 252 10.70 -6.97 -5.18
C THR A 252 10.13 -5.87 -6.07
N ALA A 253 11.01 -5.03 -6.63
CA ALA A 253 10.66 -3.96 -7.59
C ALA A 253 9.97 -4.59 -8.81
N ALA A 254 10.52 -5.69 -9.35
CA ALA A 254 9.93 -6.49 -10.45
C ALA A 254 8.48 -6.87 -10.10
N ASP A 255 8.25 -7.45 -8.91
CA ASP A 255 6.90 -7.90 -8.53
C ASP A 255 5.97 -6.68 -8.52
N MET A 256 6.35 -5.61 -7.81
CA MET A 256 5.54 -4.38 -7.66
C MET A 256 5.32 -3.70 -9.02
N THR A 257 6.29 -3.80 -9.92
CA THR A 257 6.23 -3.25 -11.30
C THR A 257 5.09 -3.94 -12.05
N ARG A 258 4.94 -5.25 -11.84
CA ARG A 258 3.85 -6.09 -12.38
C ARG A 258 2.54 -5.74 -11.68
N PHE A 259 2.59 -5.43 -10.38
CA PHE A 259 1.39 -4.96 -9.64
C PHE A 259 0.88 -3.68 -10.29
N MET A 260 1.79 -2.77 -10.68
CA MET A 260 1.42 -1.47 -11.31
C MET A 260 0.77 -1.73 -12.67
N GLN A 261 1.37 -2.60 -13.47
CA GLN A 261 0.83 -3.02 -14.79
C GLN A 261 -0.60 -3.56 -14.60
N ALA A 262 -0.81 -4.42 -13.58
CA ALA A 262 -2.14 -4.96 -13.23
C ALA A 262 -3.08 -3.79 -12.88
N ASN A 263 -2.62 -2.86 -12.04
CA ASN A 263 -3.38 -1.66 -11.60
C ASN A 263 -3.56 -0.63 -12.74
N MET A 264 -3.03 -0.87 -13.94
CA MET A 264 -3.32 0.00 -15.12
C MET A 264 -4.07 -0.80 -16.20
N ASN A 265 -4.59 -1.98 -15.85
CA ASN A 265 -5.46 -2.85 -16.69
C ASN A 265 -4.68 -3.40 -17.90
N LEU A 266 -3.37 -3.65 -17.74
CA LEU A 266 -2.45 -3.99 -18.87
C LEU A 266 -2.19 -5.49 -18.98
N LEU A 267 -2.55 -6.29 -17.95
CA LEU A 267 -2.30 -7.75 -17.95
C LEU A 267 -3.63 -8.46 -18.21
N PRO A 268 -3.72 -9.39 -19.20
CA PRO A 268 -4.92 -10.20 -19.38
C PRO A 268 -4.99 -11.28 -18.29
N LEU A 269 -5.78 -11.03 -17.23
CA LEU A 269 -6.06 -11.96 -16.10
C LEU A 269 -7.54 -12.35 -16.16
N ASP A 270 -8.03 -13.19 -15.23
CA ASP A 270 -9.47 -13.57 -15.20
C ASP A 270 -10.28 -12.29 -14.97
N ALA A 271 -11.44 -12.18 -15.60
CA ALA A 271 -12.31 -10.99 -15.64
C ALA A 271 -12.50 -10.44 -14.23
N LYS A 272 -12.82 -11.31 -13.26
CA LYS A 272 -13.23 -10.94 -11.87
C LYS A 272 -12.06 -10.28 -11.13
N LEU A 273 -10.87 -10.87 -11.16
CA LEU A 273 -9.65 -10.29 -10.52
C LEU A 273 -9.34 -8.95 -11.19
N GLN A 274 -9.48 -8.87 -12.51
CA GLN A 274 -9.25 -7.65 -13.32
C GLN A 274 -10.21 -6.55 -12.85
N ARG A 275 -11.50 -6.88 -12.64
CA ARG A 275 -12.54 -5.91 -12.19
C ARG A 275 -12.26 -5.53 -10.72
N ALA A 276 -11.86 -6.50 -9.90
CA ALA A 276 -11.53 -6.32 -8.47
C ALA A 276 -10.41 -5.27 -8.36
N ILE A 277 -9.38 -5.40 -9.18
CA ILE A 277 -8.16 -4.54 -9.08
C ILE A 277 -8.56 -3.11 -9.44
N MET A 278 -9.28 -2.92 -10.54
CA MET A 278 -9.60 -1.56 -11.05
C MET A 278 -10.63 -0.89 -10.14
N GLN A 279 -11.46 -1.65 -9.44
CA GLN A 279 -12.52 -1.10 -8.56
C GLN A 279 -11.95 -0.67 -7.20
N THR A 280 -10.68 -0.97 -6.90
CA THR A 280 -9.98 -0.36 -5.74
C THR A 280 -9.78 1.13 -6.02
N HIS A 281 -9.81 1.54 -7.30
CA HIS A 281 -9.59 2.93 -7.75
C HIS A 281 -10.86 3.77 -7.64
N THR A 282 -12.01 3.17 -7.34
CA THR A 282 -13.27 3.94 -7.13
C THR A 282 -13.01 5.01 -6.08
N GLY A 283 -13.32 6.29 -6.37
CA GLY A 283 -13.20 7.42 -5.43
C GLY A 283 -14.42 7.53 -4.51
N TYR A 284 -14.17 7.52 -3.20
CA TYR A 284 -15.23 7.40 -2.18
C TYR A 284 -15.37 8.70 -1.38
N PHE A 285 -14.23 9.32 -1.01
CA PHE A 285 -14.23 10.55 -0.18
C PHE A 285 -13.17 11.54 -0.66
N LYS A 286 -13.55 12.81 -0.66
CA LYS A 286 -12.65 13.96 -0.84
C LYS A 286 -12.19 14.39 0.56
N ALA A 287 -10.88 14.41 0.79
CA ALA A 287 -10.23 14.82 2.06
C ALA A 287 -9.05 15.73 1.74
N GLY A 288 -9.15 17.02 2.06
CA GLY A 288 -8.21 18.06 1.59
C GLY A 288 -8.06 17.98 0.08
N VAL A 289 -6.83 17.79 -0.42
CA VAL A 289 -6.48 17.88 -1.86
C VAL A 289 -6.49 16.48 -2.50
N LEU A 290 -6.94 15.48 -1.74
CA LEU A 290 -6.77 14.02 -1.98
C LEU A 290 -8.14 13.37 -2.28
N THR A 291 -8.19 12.42 -3.20
CA THR A 291 -9.39 11.54 -3.31
C THR A 291 -9.03 10.18 -2.72
N GLN A 292 -9.79 9.76 -1.70
CA GLN A 292 -9.58 8.47 -1.03
C GLN A 292 -10.37 7.40 -1.78
N ASP A 293 -9.65 6.45 -2.38
CA ASP A 293 -10.22 5.22 -2.99
C ASP A 293 -10.19 4.11 -1.94
N LEU A 294 -10.19 2.84 -2.34
CA LEU A 294 -10.03 1.71 -1.40
C LEU A 294 -8.54 1.54 -1.12
N ILE A 295 -8.06 2.32 -0.13
CA ILE A 295 -6.65 2.49 0.31
C ILE A 295 -5.89 3.39 -0.67
N TRP A 296 -5.93 3.10 -1.98
CA TRP A 296 -5.30 3.97 -3.00
C TRP A 296 -5.82 5.40 -2.82
N GLU A 297 -4.92 6.39 -2.91
CA GLU A 297 -5.21 7.84 -2.84
C GLU A 297 -4.81 8.42 -4.20
N GLN A 298 -5.68 9.23 -4.80
CA GLN A 298 -5.57 9.65 -6.22
C GLN A 298 -5.77 11.17 -6.36
N TYR A 299 -5.16 11.73 -7.41
CA TYR A 299 -5.12 13.18 -7.74
C TYR A 299 -5.40 13.34 -9.23
N ALA A 300 -6.11 14.40 -9.63
CA ALA A 300 -6.33 14.72 -11.06
C ALA A 300 -4.96 14.82 -11.73
N TYR A 301 -4.83 14.20 -12.92
CA TYR A 301 -3.61 14.27 -13.76
C TYR A 301 -3.89 15.14 -14.98
N PRO A 302 -2.97 16.05 -15.34
CA PRO A 302 -1.68 16.20 -14.66
C PRO A 302 -1.76 16.77 -13.25
N VAL A 303 -0.72 16.53 -12.45
CA VAL A 303 -0.72 16.88 -11.00
C VAL A 303 0.50 17.74 -10.71
N ALA A 304 0.35 18.71 -9.80
CA ALA A 304 1.43 19.61 -9.32
C ALA A 304 2.12 18.98 -8.10
N LEU A 305 3.44 19.12 -8.01
CA LEU A 305 4.27 18.65 -6.88
C LEU A 305 3.61 19.06 -5.57
N LYS A 306 3.24 20.35 -5.43
CA LYS A 306 2.71 20.93 -4.17
C LYS A 306 1.41 20.26 -3.79
N THR A 307 0.61 19.82 -4.78
CA THR A 307 -0.65 19.07 -4.52
C THR A 307 -0.26 17.74 -3.88
N LEU A 308 0.74 17.04 -4.43
CA LEU A 308 1.14 15.68 -3.97
C LEU A 308 1.71 15.77 -2.56
N LEU A 309 2.49 16.83 -2.29
CA LEU A 309 3.20 17.02 -1.00
C LEU A 309 2.17 17.30 0.08
N ALA A 310 1.11 18.04 -0.22
CA ALA A 310 0.05 18.39 0.77
C ALA A 310 -0.81 17.16 1.05
N GLY A 311 -1.14 16.39 0.01
CA GLY A 311 -1.95 15.16 0.12
C GLY A 311 -1.23 14.07 0.91
N ASN A 312 0.11 13.99 0.78
CA ASN A 312 0.99 12.98 1.42
C ASN A 312 1.76 13.62 2.57
N SER A 313 1.22 14.68 3.19
CA SER A 313 1.77 15.32 4.43
C SER A 313 1.60 14.37 5.63
N SER A 314 2.43 14.49 6.66
CA SER A 314 2.25 13.83 7.97
C SER A 314 0.91 14.24 8.59
N ALA A 315 0.46 15.49 8.40
CA ALA A 315 -0.84 15.97 8.92
C ALA A 315 -1.98 15.11 8.34
N MET A 316 -2.01 14.84 7.02
CA MET A 316 -3.04 13.92 6.44
C MET A 316 -2.93 12.54 7.11
N ALA A 317 -1.72 12.08 7.43
CA ALA A 317 -1.46 10.76 8.07
C ALA A 317 -1.86 10.77 9.56
N LEU A 318 -1.56 11.83 10.33
CA LEU A 318 -1.69 11.83 11.80
C LEU A 318 -3.07 12.37 12.24
N LYS A 319 -3.67 13.29 11.47
CA LYS A 319 -4.83 14.12 11.91
C LYS A 319 -6.15 13.62 11.33
N ALA A 320 -7.19 13.63 12.16
CA ALA A 320 -8.61 13.52 11.75
C ALA A 320 -8.93 14.69 10.84
N THR A 321 -9.14 14.41 9.56
CA THR A 321 -9.33 15.42 8.49
C THR A 321 -10.78 15.31 8.02
N PRO A 322 -11.44 16.44 7.67
CA PRO A 322 -12.80 16.37 7.14
C PRO A 322 -12.82 15.57 5.82
N ALA A 323 -13.80 14.71 5.66
CA ALA A 323 -13.99 13.86 4.46
C ALA A 323 -15.43 14.03 3.94
N VAL A 324 -15.58 14.23 2.64
CA VAL A 324 -16.92 14.38 1.99
C VAL A 324 -17.15 13.12 1.13
N GLU A 325 -18.20 12.35 1.46
CA GLU A 325 -18.68 11.23 0.62
C GLU A 325 -18.96 11.75 -0.79
N ILE A 326 -18.44 11.07 -1.80
CA ILE A 326 -18.77 11.31 -3.23
C ILE A 326 -20.02 10.50 -3.58
N LYS A 327 -21.04 11.16 -4.13
CA LYS A 327 -22.38 10.59 -4.42
C LYS A 327 -22.70 10.79 -5.90
N PRO A 328 -22.76 9.72 -6.74
CA PRO A 328 -22.36 8.36 -6.37
C PRO A 328 -20.83 8.27 -6.25
N PRO A 329 -20.26 7.11 -5.86
CA PRO A 329 -18.81 6.96 -5.81
C PRO A 329 -18.20 7.20 -7.19
N LEU A 330 -17.03 7.84 -7.26
CA LEU A 330 -16.40 8.20 -8.55
C LEU A 330 -15.84 6.93 -9.22
N ALA A 331 -16.44 6.50 -10.33
CA ALA A 331 -15.95 5.39 -11.19
C ALA A 331 -14.43 5.49 -11.29
N PRO A 332 -13.72 4.34 -11.42
CA PRO A 332 -12.29 4.37 -11.75
C PRO A 332 -12.03 5.24 -12.99
N ARG A 333 -10.90 5.94 -13.00
CA ARG A 333 -10.55 6.85 -14.14
C ARG A 333 -9.06 6.68 -14.45
N GLN A 334 -8.69 6.86 -15.71
CA GLN A 334 -7.30 6.79 -16.20
C GLN A 334 -6.57 8.08 -15.79
N ASP A 335 -7.26 9.22 -15.86
CA ASP A 335 -6.60 10.55 -15.84
C ASP A 335 -6.29 10.96 -14.41
N VAL A 336 -5.61 10.08 -13.65
CA VAL A 336 -5.20 10.31 -12.23
C VAL A 336 -3.78 9.81 -11.98
N TRP A 337 -3.12 10.41 -10.99
CA TRP A 337 -1.87 9.95 -10.34
C TRP A 337 -2.30 9.18 -9.09
N ILE A 338 -2.16 7.86 -9.11
CA ILE A 338 -2.60 6.97 -8.00
C ILE A 338 -1.33 6.57 -7.25
N ASN A 339 -1.32 6.72 -5.92
CA ASN A 339 -0.07 6.52 -5.14
C ASN A 339 -0.42 5.88 -3.78
N LYS A 340 0.58 5.26 -3.16
CA LYS A 340 0.55 4.88 -1.73
C LYS A 340 1.97 4.94 -1.17
N THR A 341 2.16 5.55 0.00
CA THR A 341 3.46 5.50 0.72
C THR A 341 3.49 4.26 1.62
N GLY A 342 4.66 3.91 2.11
CA GLY A 342 4.88 2.74 2.96
C GLY A 342 6.21 2.84 3.68
N SER A 343 6.21 2.58 4.98
CA SER A 343 7.41 2.70 5.83
C SER A 343 7.41 1.60 6.90
N THR A 344 8.61 1.28 7.36
CA THR A 344 8.89 0.49 8.59
C THR A 344 10.07 1.16 9.31
N ASN A 345 10.49 0.64 10.45
CA ASN A 345 11.69 1.14 11.19
C ASN A 345 12.90 1.18 10.25
N GLY A 346 12.98 0.27 9.28
CA GLY A 346 14.21 0.02 8.49
C GLY A 346 14.08 0.38 7.02
N PHE A 347 12.84 0.59 6.52
CA PHE A 347 12.51 0.69 5.07
C PHE A 347 11.58 1.86 4.75
N GLY A 348 11.73 2.34 3.51
CA GLY A 348 10.86 3.32 2.86
C GLY A 348 10.49 2.82 1.48
N ALA A 349 9.24 3.01 1.08
CA ALA A 349 8.71 2.55 -0.21
C ALA A 349 7.70 3.57 -0.75
N TYR A 350 7.59 3.74 -2.06
CA TYR A 350 6.57 4.61 -2.69
C TYR A 350 6.18 4.06 -4.05
N VAL A 351 4.88 3.89 -4.27
CA VAL A 351 4.28 3.49 -5.57
C VAL A 351 3.48 4.68 -6.10
N ALA A 352 3.74 5.12 -7.32
CA ALA A 352 2.89 6.08 -8.04
C ALA A 352 2.74 5.59 -9.48
N PHE A 353 1.53 5.65 -10.04
CA PHE A 353 1.31 5.28 -11.46
C PHE A 353 0.17 6.13 -12.05
N VAL A 354 0.12 6.17 -13.37
CA VAL A 354 -0.76 7.07 -14.15
C VAL A 354 -1.38 6.23 -15.26
N PRO A 355 -2.56 5.63 -15.02
CA PRO A 355 -3.13 4.65 -15.96
C PRO A 355 -3.20 5.16 -17.41
N GLU A 356 -3.60 6.41 -17.63
CA GLU A 356 -3.79 6.95 -19.01
C GLU A 356 -2.43 7.04 -19.72
N LYS A 357 -1.31 6.94 -19.01
CA LYS A 357 0.06 7.05 -19.60
C LYS A 357 0.81 5.71 -19.57
N GLN A 358 0.27 4.65 -18.98
CA GLN A 358 0.95 3.33 -18.85
C GLN A 358 2.32 3.57 -18.20
N LEU A 359 2.33 4.37 -17.13
CA LEU A 359 3.54 5.01 -16.55
C LEU A 359 3.52 4.86 -15.03
N GLY A 360 4.62 4.41 -14.45
CA GLY A 360 4.63 4.14 -13.01
C GLY A 360 6.03 4.00 -12.46
N ILE A 361 6.15 4.21 -11.15
CA ILE A 361 7.42 4.04 -10.39
C ILE A 361 7.06 3.38 -9.06
N VAL A 362 7.84 2.39 -8.67
CA VAL A 362 7.97 1.88 -7.27
C VAL A 362 9.43 2.10 -6.85
N MET A 363 9.65 2.81 -5.75
CA MET A 363 10.97 3.00 -5.09
C MET A 363 10.98 2.18 -3.80
N LEU A 364 11.98 1.30 -3.64
CA LEU A 364 12.18 0.44 -2.45
C LEU A 364 13.56 0.74 -1.85
N ALA A 365 13.59 1.24 -0.62
CA ALA A 365 14.83 1.63 0.08
C ALA A 365 14.93 0.88 1.40
N ASN A 366 16.15 0.53 1.80
CA ASN A 366 16.41 -0.02 3.16
C ASN A 366 16.80 1.15 4.08
N LYS A 367 16.03 2.24 3.99
CA LYS A 367 15.96 3.33 5.01
C LYS A 367 14.60 4.01 4.90
N ASN A 368 13.97 4.27 6.05
CA ASN A 368 12.73 5.08 6.18
C ASN A 368 13.12 6.55 6.02
N PHE A 369 13.39 6.94 4.77
CA PHE A 369 13.80 8.31 4.37
C PHE A 369 12.53 9.12 4.10
N PRO A 370 12.58 10.47 4.28
CA PRO A 370 11.36 11.29 4.27
C PRO A 370 10.45 11.10 3.06
N ASN A 371 9.14 11.05 3.29
CA ASN A 371 8.06 10.91 2.27
C ASN A 371 8.11 12.08 1.28
N ASP A 372 8.44 13.29 1.76
CA ASP A 372 8.58 14.50 0.91
C ASP A 372 9.57 14.21 -0.22
N GLU A 373 10.66 13.49 0.07
CA GLU A 373 11.74 13.22 -0.92
C GLU A 373 11.28 12.14 -1.88
N ARG A 374 10.62 11.11 -1.36
CA ARG A 374 10.03 10.02 -2.17
C ARG A 374 9.10 10.63 -3.22
N VAL A 375 8.16 11.47 -2.79
CA VAL A 375 7.13 12.12 -3.66
C VAL A 375 7.82 13.05 -4.68
N SER A 376 8.80 13.85 -4.24
CA SER A 376 9.57 14.78 -5.10
C SER A 376 10.27 14.00 -6.21
N VAL A 377 11.07 13.00 -5.81
CA VAL A 377 11.89 12.18 -6.74
C VAL A 377 10.97 11.47 -7.74
N ALA A 378 9.89 10.82 -7.27
CA ALA A 378 8.85 10.20 -8.13
C ALA A 378 8.30 11.26 -9.11
N TYR A 379 7.96 12.44 -8.59
CA TYR A 379 7.40 13.55 -9.41
C TYR A 379 8.42 13.91 -10.49
N LYS A 380 9.66 14.12 -10.09
CA LYS A 380 10.78 14.51 -11.00
C LYS A 380 10.93 13.46 -12.10
N ILE A 381 10.87 12.16 -11.75
CA ILE A 381 11.15 11.03 -12.69
C ILE A 381 9.95 10.84 -13.61
N LEU A 382 8.73 10.73 -13.10
CA LEU A 382 7.56 10.44 -14.00
C LEU A 382 7.29 11.64 -14.91
N THR A 383 7.57 12.85 -14.45
CA THR A 383 7.44 14.10 -15.27
C THR A 383 8.40 14.06 -16.46
N ALA A 384 9.67 13.70 -16.24
CA ALA A 384 10.66 13.59 -17.32
C ALA A 384 10.23 12.52 -18.34
N LEU A 385 9.60 11.43 -17.89
CA LEU A 385 9.21 10.28 -18.75
C LEU A 385 7.92 10.58 -19.51
N ALA A 386 7.07 11.44 -19.00
CA ALA A 386 5.78 11.84 -19.64
C ALA A 386 6.07 12.67 -20.89
N GLY A 387 7.24 13.33 -20.96
CA GLY A 387 7.71 14.11 -22.12
C GLY A 387 7.91 15.59 -21.78
#